data_2JAR
#
_entry.id   2JAR
#
_cell.length_a   75.309
_cell.length_b   75.309
_cell.length_c   85.174
_cell.angle_alpha   90.00
_cell.angle_beta   90.00
_cell.angle_gamma   120.00
#
_symmetry.space_group_name_H-M   'P 62'
#
loop_
_entity.id
_entity.type
_entity.pdbx_description
1 polymer "5'(3')-DEOXYRIBONUCLEOTIDASE"
2 non-polymer "2'-DEOXYURIDINE 5'-MONOPHOSPHATE"
3 non-polymer 'MAGNESIUM ION'
4 water water
#
_entity_poly.entity_id   1
_entity_poly.type   'polypeptide(L)'
_entity_poly.pdbx_seq_one_letter_code
;MAVKRPVRVLVNMDGVLADFESGLLQGFRRRFPEEPHVPLEQRRGFLANEQYGALRPDLAEKVASVYESPGFFLNLEPIP
GALDALREMNDMKDTEVFICTTPLLKYDHCVGEKYRWVEQNLGPEFVERIILTRDKTVVMGDLLIDDKDNIQGLEETPSW
EHILFTCCHNQHLALPPTRRRLLSWSDNWRGIIESKRASL
;
_entity_poly.pdbx_strand_id   A
#
# COMPACT_ATOMS: atom_id res chain seq x y z
N LYS A 4 -0.90 22.02 -18.23
CA LYS A 4 -0.35 21.35 -19.46
C LYS A 4 -0.04 19.87 -19.25
N ARG A 5 1.05 19.60 -18.51
CA ARG A 5 1.46 18.27 -18.05
C ARG A 5 0.28 17.40 -17.61
N PRO A 6 0.30 16.09 -17.91
CA PRO A 6 -0.56 15.16 -17.16
C PRO A 6 -0.17 15.14 -15.68
N VAL A 7 -1.10 14.77 -14.79
CA VAL A 7 -0.77 14.58 -13.39
C VAL A 7 -0.37 13.11 -13.26
N ARG A 8 0.79 12.85 -12.66
CA ARG A 8 1.21 11.45 -12.50
C ARG A 8 0.95 11.01 -11.06
N VAL A 9 0.18 9.94 -10.90
CA VAL A 9 -0.17 9.45 -9.57
C VAL A 9 0.51 8.09 -9.31
N LEU A 10 1.34 8.05 -8.28
CA LEU A 10 1.94 6.80 -7.82
C LEU A 10 1.02 6.22 -6.74
N VAL A 11 0.53 5.01 -6.99
CA VAL A 11 -0.40 4.36 -6.04
C VAL A 11 0.33 3.15 -5.48
N ASN A 12 0.50 3.18 -4.15
CA ASN A 12 1.10 2.09 -3.39
C ASN A 12 0.23 0.82 -3.42
N MET A 13 0.84 -0.34 -3.22
CA MET A 13 0.14 -1.58 -3.36
C MET A 13 -0.38 -2.10 -2.00
N ASP A 14 0.49 -2.54 -1.09
CA ASP A 14 0.04 -3.05 0.20
C ASP A 14 -0.60 -1.93 1.04
N GLY A 15 -1.78 -2.20 1.57
CA GLY A 15 -2.51 -1.22 2.38
C GLY A 15 -3.33 -0.21 1.59
N VAL A 16 -3.18 -0.21 0.28
CA VAL A 16 -3.86 0.76 -0.60
C VAL A 16 -4.69 0.06 -1.69
N LEU A 17 -4.07 -0.87 -2.42
CA LEU A 17 -4.77 -1.72 -3.38
C LEU A 17 -5.04 -3.12 -2.82
N ALA A 18 -4.03 -3.68 -2.15
CA ALA A 18 -4.09 -5.04 -1.64
C ALA A 18 -4.17 -5.01 -0.12
N ASP A 19 -5.08 -5.84 0.42
CA ASP A 19 -5.37 -5.84 1.84
C ASP A 19 -4.40 -6.74 2.61
N PHE A 20 -3.20 -6.20 2.84
CA PHE A 20 -2.12 -6.91 3.52
C PHE A 20 -2.52 -7.20 4.98
N GLU A 21 -3.02 -6.19 5.68
CA GLU A 21 -3.36 -6.35 7.11
C GLU A 21 -4.43 -7.45 7.37
N SER A 22 -5.49 -7.46 6.56
N SER A 22 -5.49 -7.46 6.56
CA SER A 22 -6.54 -8.48 6.69
CA SER A 22 -6.54 -8.49 6.72
C SER A 22 -5.98 -9.87 6.41
C SER A 22 -6.04 -9.88 6.37
N GLY A 23 -5.22 -9.96 5.31
CA GLY A 23 -4.62 -11.21 4.89
C GLY A 23 -3.65 -11.74 5.94
N LEU A 24 -2.89 -10.83 6.55
CA LEU A 24 -1.91 -11.23 7.57
C LEU A 24 -2.61 -11.77 8.85
N LEU A 25 -3.63 -11.05 9.32
CA LEU A 25 -4.37 -11.50 10.51
C LEU A 25 -5.05 -12.86 10.28
N GLN A 26 -5.74 -13.01 9.15
CA GLN A 26 -6.46 -14.24 8.83
C GLN A 26 -5.49 -15.41 8.72
N GLY A 27 -4.34 -15.16 8.11
CA GLY A 27 -3.30 -16.18 7.95
C GLY A 27 -2.69 -16.54 9.29
N PHE A 28 -2.53 -15.55 10.17
CA PHE A 28 -1.94 -15.76 11.48
C PHE A 28 -2.86 -16.59 12.41
N ARG A 29 -4.15 -16.26 12.43
CA ARG A 29 -5.14 -16.97 13.24
C ARG A 29 -5.36 -18.41 12.76
N ARG A 30 -5.28 -18.62 11.46
CA ARG A 30 -5.41 -19.95 10.86
C ARG A 30 -4.18 -20.82 11.17
N ARG A 31 -2.98 -20.23 11.09
CA ARG A 31 -1.75 -20.97 11.33
C ARG A 31 -1.37 -21.10 12.81
N PHE A 32 -1.60 -20.04 13.60
CA PHE A 32 -1.24 -20.02 15.02
C PHE A 32 -2.49 -19.78 15.88
N PRO A 33 -3.46 -20.71 15.83
CA PRO A 33 -4.76 -20.45 16.44
C PRO A 33 -4.70 -20.27 17.96
N GLU A 34 -3.62 -20.70 18.60
CA GLU A 34 -3.53 -20.62 20.08
C GLU A 34 -2.73 -19.41 20.59
N GLU A 35 -2.12 -18.67 19.66
CA GLU A 35 -1.27 -17.53 20.00
C GLU A 35 -2.09 -16.22 20.13
N PRO A 36 -1.60 -15.27 20.95
CA PRO A 36 -2.27 -13.97 20.95
C PRO A 36 -2.10 -13.29 19.59
N HIS A 37 -3.14 -12.56 19.17
CA HIS A 37 -3.12 -11.82 17.91
C HIS A 37 -3.38 -10.33 18.20
N VAL A 38 -3.16 -9.49 17.19
CA VAL A 38 -3.47 -8.09 17.27
C VAL A 38 -4.69 -7.85 16.37
N PRO A 39 -5.88 -7.62 16.96
CA PRO A 39 -7.02 -7.22 16.12
C PRO A 39 -6.67 -5.97 15.29
N LEU A 40 -7.24 -5.89 14.08
CA LEU A 40 -6.95 -4.77 13.16
C LEU A 40 -7.15 -3.41 13.83
N GLU A 41 -8.24 -3.26 14.58
CA GLU A 41 -8.50 -1.97 15.22
C GLU A 41 -7.38 -1.62 16.20
N GLN A 42 -6.65 -2.62 16.69
CA GLN A 42 -5.55 -2.37 17.64
C GLN A 42 -4.19 -2.18 16.98
N ARG A 43 -4.12 -2.34 15.67
CA ARG A 43 -2.85 -2.13 14.96
C ARG A 43 -2.31 -0.71 15.12
N ARG A 44 -1.05 -0.64 15.49
CA ARG A 44 -0.31 0.62 15.59
C ARG A 44 1.04 0.44 14.95
N GLY A 45 1.39 1.39 14.08
CA GLY A 45 2.68 1.39 13.42
C GLY A 45 2.71 0.52 12.18
N PHE A 46 3.55 0.92 11.23
CA PHE A 46 3.58 0.34 9.91
C PHE A 46 3.88 -1.15 9.94
N LEU A 47 4.88 -1.55 10.73
CA LEU A 47 5.34 -2.93 10.74
C LEU A 47 4.56 -3.78 11.74
N ALA A 48 3.74 -4.70 11.22
CA ALA A 48 2.97 -5.60 12.08
C ALA A 48 3.88 -6.57 12.85
N ASN A 49 5.00 -6.96 12.24
CA ASN A 49 5.91 -7.92 12.90
C ASN A 49 6.48 -7.36 14.19
N GLU A 50 6.79 -6.06 14.17
CA GLU A 50 7.31 -5.33 15.32
C GLU A 50 6.27 -5.14 16.43
N GLN A 51 5.00 -4.97 16.06
CA GLN A 51 3.95 -4.92 17.08
C GLN A 51 3.76 -6.27 17.78
N TYR A 52 3.70 -7.35 17.00
CA TYR A 52 3.61 -8.70 17.54
C TYR A 52 4.83 -9.04 18.39
N GLY A 53 6.00 -8.60 17.94
CA GLY A 53 7.26 -8.77 18.66
C GLY A 53 7.30 -8.08 20.00
N ALA A 54 6.60 -6.94 20.09
CA ALA A 54 6.51 -6.17 21.33
C ALA A 54 5.53 -6.81 22.31
N LEU A 55 4.63 -7.64 21.79
CA LEU A 55 3.68 -8.40 22.59
C LEU A 55 4.41 -9.59 23.22
N ARG A 56 5.12 -10.34 22.38
CA ARG A 56 6.01 -11.41 22.80
C ARG A 56 7.04 -11.62 21.69
N PRO A 57 8.34 -11.56 22.02
CA PRO A 57 9.43 -11.56 21.05
C PRO A 57 9.35 -12.59 19.92
N ASP A 58 8.90 -13.80 20.22
CA ASP A 58 8.88 -14.86 19.21
C ASP A 58 7.68 -14.75 18.24
N LEU A 59 6.71 -13.91 18.57
CA LEU A 59 5.55 -13.71 17.71
C LEU A 59 5.93 -12.92 16.44
N ALA A 60 7.00 -12.11 16.51
CA ALA A 60 7.51 -11.39 15.34
C ALA A 60 7.89 -12.34 14.21
N GLU A 61 8.63 -13.40 14.55
N GLU A 61 8.61 -13.41 14.55
CA GLU A 61 9.04 -14.42 13.58
CA GLU A 61 9.04 -14.42 13.59
C GLU A 61 7.86 -15.26 13.08
C GLU A 61 7.86 -15.25 13.08
N LYS A 62 6.88 -15.49 13.96
CA LYS A 62 5.70 -16.27 13.60
C LYS A 62 4.83 -15.51 12.58
N VAL A 63 4.55 -14.24 12.91
CA VAL A 63 3.79 -13.39 12.01
C VAL A 63 4.54 -13.18 10.66
N ALA A 64 5.85 -12.95 10.70
CA ALA A 64 6.65 -12.85 9.49
C ALA A 64 6.56 -14.13 8.62
N SER A 65 6.49 -15.30 9.26
CA SER A 65 6.43 -16.56 8.52
C SER A 65 5.14 -16.65 7.69
N VAL A 66 4.12 -15.93 8.12
CA VAL A 66 2.86 -15.88 7.36
C VAL A 66 3.07 -15.13 6.05
N TYR A 67 3.62 -13.92 6.11
CA TYR A 67 3.79 -13.15 4.87
C TYR A 67 4.99 -13.59 4.01
N GLU A 68 5.82 -14.46 4.58
CA GLU A 68 6.90 -15.08 3.85
C GLU A 68 6.48 -16.37 3.15
N SER A 69 5.27 -16.85 3.42
CA SER A 69 4.80 -18.12 2.83
C SER A 69 4.39 -17.99 1.37
N PRO A 70 4.65 -19.04 0.56
CA PRO A 70 4.10 -19.12 -0.80
C PRO A 70 2.59 -18.84 -0.77
N GLY A 71 2.15 -18.02 -1.72
CA GLY A 71 0.72 -17.72 -1.88
C GLY A 71 0.19 -16.54 -1.09
N PHE A 72 0.93 -16.08 -0.07
CA PHE A 72 0.42 -15.00 0.76
C PHE A 72 0.09 -13.73 -0.06
N PHE A 73 1.08 -13.23 -0.80
CA PHE A 73 0.86 -12.02 -1.62
C PHE A 73 -0.09 -12.33 -2.77
N LEU A 74 0.05 -13.51 -3.37
CA LEU A 74 -0.85 -13.89 -4.49
C LEU A 74 -2.34 -13.74 -4.14
N ASN A 75 -2.70 -14.16 -2.94
CA ASN A 75 -4.09 -14.33 -2.59
C ASN A 75 -4.71 -13.15 -1.80
N LEU A 76 -3.98 -12.06 -1.61
CA LEU A 76 -4.55 -10.95 -0.85
C LEU A 76 -5.84 -10.47 -1.50
N GLU A 77 -6.84 -10.16 -0.69
CA GLU A 77 -8.07 -9.55 -1.21
C GLU A 77 -7.80 -8.06 -1.48
N PRO A 78 -8.50 -7.49 -2.47
CA PRO A 78 -8.36 -6.04 -2.74
C PRO A 78 -8.90 -5.22 -1.57
N ILE A 79 -8.30 -4.06 -1.34
CA ILE A 79 -8.86 -3.04 -0.46
C ILE A 79 -10.23 -2.62 -1.04
N PRO A 80 -11.25 -2.41 -0.18
CA PRO A 80 -12.58 -2.02 -0.69
C PRO A 80 -12.49 -0.80 -1.59
N GLY A 81 -13.08 -0.89 -2.77
CA GLY A 81 -13.16 0.24 -3.69
C GLY A 81 -11.91 0.51 -4.52
N ALA A 82 -10.82 -0.23 -4.27
CA ALA A 82 -9.55 0.05 -4.92
C ALA A 82 -9.55 -0.21 -6.41
N LEU A 83 -10.12 -1.34 -6.82
CA LEU A 83 -10.08 -1.72 -8.21
C LEU A 83 -10.91 -0.74 -9.02
N ASP A 84 -12.10 -0.39 -8.53
CA ASP A 84 -12.95 0.63 -9.16
C ASP A 84 -12.23 1.96 -9.26
N ALA A 85 -11.65 2.44 -8.16
CA ALA A 85 -10.96 3.74 -8.17
C ALA A 85 -9.76 3.77 -9.13
N LEU A 86 -8.93 2.74 -9.10
CA LEU A 86 -7.77 2.69 -9.98
C LEU A 86 -8.14 2.67 -11.46
N ARG A 87 -9.15 1.86 -11.82
CA ARG A 87 -9.70 1.86 -13.20
C ARG A 87 -10.22 3.24 -13.63
N GLU A 88 -10.95 3.90 -12.74
N GLU A 88 -10.97 3.92 -12.76
CA GLU A 88 -11.48 5.25 -13.02
CA GLU A 88 -11.46 5.26 -13.11
C GLU A 88 -10.35 6.26 -13.16
C GLU A 88 -10.29 6.24 -13.23
N MET A 89 -9.37 6.17 -12.26
CA MET A 89 -8.22 7.07 -12.25
C MET A 89 -7.42 6.90 -13.52
N ASN A 90 -7.17 5.63 -13.88
CA ASN A 90 -6.41 5.26 -15.07
C ASN A 90 -7.05 5.78 -16.36
N ASP A 91 -8.38 5.90 -16.36
CA ASP A 91 -9.13 6.38 -17.52
C ASP A 91 -9.26 7.90 -17.62
N MET A 92 -8.83 8.62 -16.60
CA MET A 92 -8.95 10.07 -16.57
C MET A 92 -8.01 10.66 -17.60
N LYS A 93 -8.45 11.72 -18.27
CA LYS A 93 -7.62 12.37 -19.27
C LYS A 93 -6.45 13.09 -18.59
N ASP A 94 -5.30 13.09 -19.25
CA ASP A 94 -4.13 13.77 -18.72
C ASP A 94 -3.84 13.32 -17.28
N THR A 95 -4.00 12.02 -17.04
CA THR A 95 -3.67 11.46 -15.72
C THR A 95 -2.93 10.16 -15.99
N GLU A 96 -1.81 10.00 -15.29
N GLU A 96 -1.79 9.97 -15.36
CA GLU A 96 -0.89 8.87 -15.47
CA GLU A 96 -1.01 8.74 -15.59
C GLU A 96 -0.85 8.09 -14.16
C GLU A 96 -0.70 8.03 -14.27
N VAL A 97 -1.10 6.77 -14.20
CA VAL A 97 -1.05 5.99 -12.96
C VAL A 97 0.07 4.94 -13.02
N PHE A 98 0.87 4.90 -11.96
CA PHE A 98 1.82 3.79 -11.72
C PHE A 98 1.50 3.13 -10.39
N ILE A 99 1.80 1.85 -10.31
CA ILE A 99 1.68 1.13 -9.05
C ILE A 99 3.09 0.99 -8.47
N CYS A 100 3.27 1.54 -7.26
CA CYS A 100 4.60 1.63 -6.67
C CYS A 100 4.65 0.83 -5.38
N THR A 101 5.47 -0.20 -5.36
CA THR A 101 5.43 -1.19 -4.29
C THR A 101 6.84 -1.61 -3.86
N THR A 102 7.00 -1.78 -2.56
CA THR A 102 8.26 -2.25 -2.01
C THR A 102 8.23 -3.75 -1.73
N PRO A 103 9.10 -4.53 -2.40
CA PRO A 103 9.08 -5.96 -2.16
C PRO A 103 9.84 -6.30 -0.86
N LEU A 104 9.49 -7.42 -0.23
CA LEU A 104 10.31 -7.94 0.88
C LEU A 104 11.74 -8.17 0.40
N LEU A 105 12.71 -7.95 1.29
CA LEU A 105 14.09 -8.40 1.00
C LEU A 105 14.16 -9.91 0.83
N LYS A 106 13.29 -10.63 1.54
CA LYS A 106 13.05 -12.04 1.23
C LYS A 106 12.10 -12.07 0.03
N TYR A 107 12.68 -11.88 -1.15
CA TYR A 107 11.89 -11.59 -2.37
C TYR A 107 11.19 -12.84 -2.95
N ASP A 108 11.64 -14.03 -2.53
N ASP A 108 11.62 -14.05 -2.57
CA ASP A 108 11.32 -15.29 -3.20
CA ASP A 108 11.31 -15.25 -3.37
C ASP A 108 9.86 -15.45 -3.59
C ASP A 108 9.83 -15.57 -3.60
N HIS A 109 8.97 -15.35 -2.60
CA HIS A 109 7.51 -15.58 -2.79
C HIS A 109 6.72 -14.29 -2.79
N CYS A 110 7.45 -13.19 -2.95
CA CYS A 110 6.90 -11.85 -2.92
C CYS A 110 6.86 -11.21 -4.34
N VAL A 111 8.00 -11.14 -5.01
N VAL A 111 8.01 -11.14 -5.00
CA VAL A 111 8.11 -10.34 -6.24
CA VAL A 111 8.12 -10.36 -6.24
C VAL A 111 7.27 -10.85 -7.42
C VAL A 111 7.20 -10.87 -7.36
N GLY A 112 7.35 -12.14 -7.71
CA GLY A 112 6.51 -12.79 -8.73
C GLY A 112 5.01 -12.75 -8.40
N GLU A 113 4.68 -13.00 -7.14
CA GLU A 113 3.27 -12.98 -6.67
C GLU A 113 2.61 -11.60 -6.75
N LYS A 114 3.40 -10.55 -6.53
CA LYS A 114 2.92 -9.16 -6.70
C LYS A 114 2.59 -8.88 -8.17
N TYR A 115 3.42 -9.35 -9.09
CA TYR A 115 3.12 -9.19 -10.52
C TYR A 115 1.84 -9.91 -10.87
N ARG A 116 1.70 -11.14 -10.38
CA ARG A 116 0.54 -11.97 -10.71
C ARG A 116 -0.72 -11.38 -10.07
N TRP A 117 -0.60 -10.89 -8.82
CA TRP A 117 -1.70 -10.18 -8.16
C TRP A 117 -2.27 -9.03 -9.01
N VAL A 118 -1.40 -8.17 -9.51
CA VAL A 118 -1.81 -7.09 -10.41
C VAL A 118 -2.48 -7.63 -11.68
N GLU A 119 -1.87 -8.63 -12.34
CA GLU A 119 -2.48 -9.22 -13.55
C GLU A 119 -3.89 -9.72 -13.27
N GLN A 120 -4.04 -10.35 -12.10
CA GLN A 120 -5.27 -11.08 -11.80
C GLN A 120 -6.37 -10.17 -11.28
N ASN A 121 -6.01 -9.22 -10.42
CA ASN A 121 -7.01 -8.33 -9.82
C ASN A 121 -7.29 -7.06 -10.63
N LEU A 122 -6.33 -6.64 -11.44
CA LEU A 122 -6.50 -5.43 -12.23
C LEU A 122 -6.50 -5.76 -13.70
N GLY A 123 -5.39 -6.27 -14.21
CA GLY A 123 -5.37 -6.74 -15.60
C GLY A 123 -4.00 -6.51 -16.21
N PRO A 124 -3.72 -7.18 -17.34
CA PRO A 124 -2.40 -7.05 -17.97
C PRO A 124 -1.96 -5.61 -18.18
N GLU A 125 -2.92 -4.72 -18.44
N GLU A 125 -2.90 -4.69 -18.47
CA GLU A 125 -2.67 -3.30 -18.69
CA GLU A 125 -2.55 -3.30 -18.71
C GLU A 125 -2.03 -2.59 -17.49
C GLU A 125 -1.87 -2.70 -17.50
N PHE A 126 -2.35 -3.04 -16.30
CA PHE A 126 -1.77 -2.51 -15.06
C PHE A 126 -0.38 -3.10 -14.75
N VAL A 127 -0.12 -4.31 -15.23
CA VAL A 127 1.21 -4.94 -15.04
C VAL A 127 2.29 -4.03 -15.69
N GLU A 128 1.97 -3.41 -16.82
CA GLU A 128 2.90 -2.48 -17.50
C GLU A 128 3.28 -1.29 -16.63
N ARG A 129 2.48 -0.99 -15.62
CA ARG A 129 2.63 0.23 -14.79
C ARG A 129 3.19 -0.06 -13.38
N ILE A 130 3.65 -1.29 -13.17
CA ILE A 130 4.27 -1.65 -11.90
C ILE A 130 5.68 -1.10 -11.81
N ILE A 131 6.00 -0.52 -10.66
CA ILE A 131 7.36 -0.15 -10.30
C ILE A 131 7.71 -0.80 -8.96
N LEU A 132 8.73 -1.64 -8.95
N LEU A 132 8.72 -1.66 -8.95
CA LEU A 132 9.22 -2.17 -7.69
CA LEU A 132 9.21 -2.20 -7.66
C LEU A 132 10.41 -1.34 -7.26
C LEU A 132 10.44 -1.44 -7.24
N THR A 133 10.42 -0.92 -6.01
CA THR A 133 11.53 -0.14 -5.48
C THR A 133 11.53 -0.18 -3.97
N ARG A 134 12.72 -0.14 -3.36
CA ARG A 134 12.85 0.07 -1.91
C ARG A 134 13.02 1.55 -1.56
N ASP A 135 13.06 2.41 -2.56
CA ASP A 135 13.19 3.85 -2.34
C ASP A 135 12.20 4.55 -3.28
N LYS A 136 11.09 5.02 -2.71
CA LYS A 136 10.04 5.65 -3.50
C LYS A 136 10.41 7.11 -3.80
N THR A 137 11.36 7.67 -3.05
CA THR A 137 11.74 9.09 -3.23
C THR A 137 12.44 9.38 -4.57
N VAL A 138 12.96 8.32 -5.23
CA VAL A 138 13.62 8.48 -6.51
C VAL A 138 12.66 8.25 -7.67
N VAL A 139 11.39 7.98 -7.36
CA VAL A 139 10.38 7.87 -8.42
C VAL A 139 9.63 9.20 -8.57
N MET A 140 9.51 9.66 -9.80
CA MET A 140 8.95 10.97 -10.07
C MET A 140 7.45 10.89 -10.28
N GLY A 141 6.70 11.66 -9.51
CA GLY A 141 5.25 11.72 -9.68
C GLY A 141 4.78 13.00 -9.01
N ASP A 142 3.49 13.30 -9.18
CA ASP A 142 2.89 14.46 -8.55
C ASP A 142 2.30 14.09 -7.19
N LEU A 143 1.77 12.88 -7.10
CA LEU A 143 1.19 12.33 -5.86
C LEU A 143 1.70 10.91 -5.60
N LEU A 144 1.87 10.60 -4.32
CA LEU A 144 2.10 9.24 -3.87
C LEU A 144 1.02 8.94 -2.83
N ILE A 145 0.12 8.04 -3.17
CA ILE A 145 -0.97 7.60 -2.30
C ILE A 145 -0.46 6.32 -1.62
N ASP A 146 -0.19 6.41 -0.32
CA ASP A 146 0.60 5.37 0.37
C ASP A 146 0.21 5.34 1.84
N ASP A 147 0.02 4.14 2.42
CA ASP A 147 -0.40 4.03 3.83
C ASP A 147 0.75 4.16 4.85
N LYS A 148 2.00 4.13 4.39
N LYS A 148 2.00 4.18 4.37
CA LYS A 148 3.13 4.24 5.31
CA LYS A 148 3.15 4.29 5.28
C LYS A 148 3.22 5.68 5.77
C LYS A 148 3.26 5.73 5.76
N ASP A 149 3.44 5.89 7.07
CA ASP A 149 3.46 7.26 7.57
C ASP A 149 4.75 8.03 7.27
N ASN A 150 5.90 7.42 7.42
CA ASN A 150 7.16 8.16 7.22
C ASN A 150 7.85 7.55 6.02
N ILE A 151 7.75 8.20 4.87
CA ILE A 151 8.42 7.68 3.70
C ILE A 151 9.77 8.36 3.56
N GLN A 152 10.82 7.57 3.62
CA GLN A 152 12.21 8.03 3.61
C GLN A 152 12.96 7.45 2.42
N GLY A 153 14.05 8.11 2.03
CA GLY A 153 14.86 7.65 0.93
C GLY A 153 15.92 8.67 0.61
N LEU A 154 16.60 8.47 -0.51
CA LEU A 154 17.80 9.25 -0.82
C LEU A 154 17.50 10.63 -1.31
N GLU A 155 16.29 10.83 -1.83
CA GLU A 155 15.92 12.11 -2.36
C GLU A 155 15.26 12.93 -1.25
N GLU A 156 15.97 13.98 -0.80
CA GLU A 156 15.53 14.79 0.35
C GLU A 156 14.18 15.49 0.14
N THR A 157 13.98 16.00 -1.07
CA THR A 157 12.72 16.63 -1.44
C THR A 157 12.16 15.89 -2.67
N PRO A 158 11.36 14.83 -2.42
CA PRO A 158 10.74 14.08 -3.52
C PRO A 158 9.90 15.00 -4.42
N SER A 159 9.68 14.61 -5.69
CA SER A 159 8.83 15.39 -6.56
C SER A 159 7.34 15.26 -6.21
N TRP A 160 6.95 14.19 -5.51
CA TRP A 160 5.52 13.98 -5.21
C TRP A 160 5.15 14.59 -3.88
N GLU A 161 3.87 14.88 -3.72
CA GLU A 161 3.27 15.06 -2.38
C GLU A 161 2.71 13.71 -1.91
N HIS A 162 3.07 13.33 -0.68
CA HIS A 162 2.58 12.10 -0.07
C HIS A 162 1.17 12.34 0.46
N ILE A 163 0.22 11.57 -0.06
CA ILE A 163 -1.16 11.53 0.49
C ILE A 163 -1.26 10.28 1.34
N LEU A 164 -1.48 10.44 2.64
CA LEU A 164 -1.48 9.28 3.54
C LEU A 164 -2.79 8.50 3.36
N PHE A 165 -2.71 7.27 2.84
CA PHE A 165 -3.91 6.46 2.74
C PHE A 165 -4.23 5.80 4.08
N THR A 166 -5.45 6.04 4.55
CA THR A 166 -5.86 5.53 5.87
C THR A 166 -5.91 3.99 5.91
N CYS A 167 -5.32 3.45 6.96
CA CYS A 167 -5.27 2.00 7.19
C CYS A 167 -5.34 1.81 8.69
N CYS A 168 -5.74 0.62 9.13
CA CYS A 168 -5.84 0.34 10.57
C CYS A 168 -4.62 0.83 11.34
N HIS A 169 -3.41 0.53 10.83
CA HIS A 169 -2.16 0.82 11.54
C HIS A 169 -1.79 2.30 11.65
N ASN A 170 -2.41 3.16 10.84
CA ASN A 170 -2.13 4.63 10.86
C ASN A 170 -3.36 5.50 11.22
N GLN A 171 -4.48 4.84 11.48
N GLN A 171 -4.49 4.84 11.49
CA GLN A 171 -5.75 5.51 11.85
CA GLN A 171 -5.77 5.48 11.88
C GLN A 171 -5.58 6.52 12.99
C GLN A 171 -5.57 6.52 12.98
N HIS A 172 -4.83 6.12 14.01
CA HIS A 172 -4.73 6.89 15.25
C HIS A 172 -3.59 7.88 15.22
N LEU A 173 -2.85 7.89 14.12
CA LEU A 173 -1.67 8.71 13.98
C LEU A 173 -2.07 10.15 13.77
N ALA A 174 -1.54 11.02 14.62
CA ALA A 174 -1.74 12.46 14.50
C ALA A 174 -0.71 13.00 13.53
N LEU A 175 -1.20 13.79 12.59
CA LEU A 175 -0.41 14.36 11.50
C LEU A 175 -0.56 15.87 11.56
N PRO A 176 0.52 16.61 11.26
CA PRO A 176 0.35 18.05 11.12
C PRO A 176 -0.60 18.35 9.96
N PRO A 177 -1.35 19.48 10.05
CA PRO A 177 -2.37 19.81 9.04
C PRO A 177 -1.85 19.97 7.61
N THR A 178 -0.54 20.25 7.46
CA THR A 178 0.13 20.24 6.17
C THR A 178 0.12 18.88 5.42
N ARG A 179 -0.09 17.79 6.16
CA ARG A 179 -0.09 16.44 5.59
C ARG A 179 -1.55 16.08 5.27
N ARG A 180 -1.82 15.75 4.02
CA ARG A 180 -3.16 15.34 3.59
C ARG A 180 -3.35 13.84 3.66
N ARG A 181 -4.58 13.41 4.01
CA ARG A 181 -4.95 12.02 4.10
C ARG A 181 -6.05 11.70 3.10
N LEU A 182 -6.07 10.45 2.62
N LEU A 182 -6.04 10.47 2.60
CA LEU A 182 -7.24 9.90 1.91
CA LEU A 182 -7.22 9.90 1.99
C LEU A 182 -7.86 8.88 2.86
C LEU A 182 -7.83 8.95 3.01
N LEU A 183 -9.10 9.15 3.30
CA LEU A 183 -9.77 8.34 4.31
C LEU A 183 -10.12 6.94 3.82
N SER A 184 -10.38 6.83 2.51
CA SER A 184 -10.68 5.56 1.85
C SER A 184 -10.80 5.91 0.37
N TRP A 185 -11.00 4.90 -0.48
CA TRP A 185 -11.29 5.18 -1.89
C TRP A 185 -12.62 5.90 -2.18
N SER A 186 -13.47 6.02 -1.15
N SER A 186 -13.49 6.02 -1.18
CA SER A 186 -14.74 6.78 -1.24
CA SER A 186 -14.73 6.80 -1.32
C SER A 186 -14.57 8.24 -0.83
C SER A 186 -14.50 8.29 -1.01
N ASP A 187 -13.36 8.60 -0.40
CA ASP A 187 -12.98 10.01 -0.11
C ASP A 187 -12.58 10.65 -1.45
N ASN A 188 -12.45 11.98 -1.50
CA ASN A 188 -12.43 12.61 -2.82
C ASN A 188 -11.02 12.71 -3.41
N TRP A 189 -10.50 11.54 -3.82
CA TRP A 189 -9.20 11.47 -4.49
C TRP A 189 -9.17 12.28 -5.82
N ARG A 190 -10.30 12.40 -6.51
N ARG A 190 -10.31 12.40 -6.48
CA ARG A 190 -10.40 13.22 -7.73
CA ARG A 190 -10.42 13.19 -7.72
C ARG A 190 -10.02 14.68 -7.48
C ARG A 190 -10.07 14.67 -7.51
N GLY A 191 -10.58 15.25 -6.42
CA GLY A 191 -10.29 16.64 -6.02
C GLY A 191 -8.81 16.83 -5.72
N ILE A 192 -8.23 15.87 -5.00
CA ILE A 192 -6.79 15.91 -4.73
C ILE A 192 -5.98 15.97 -6.02
N ILE A 193 -6.36 15.17 -7.00
CA ILE A 193 -5.66 15.16 -8.30
C ILE A 193 -5.79 16.54 -8.97
N GLU A 194 -6.99 17.11 -8.91
CA GLU A 194 -7.23 18.47 -9.44
C GLU A 194 -6.41 19.54 -8.73
N SER A 195 -6.22 19.40 -7.41
CA SER A 195 -5.41 20.36 -6.67
C SER A 195 -3.97 20.45 -7.25
N LYS A 196 -3.47 19.32 -7.77
CA LYS A 196 -2.09 19.24 -8.30
C LYS A 196 -2.00 19.77 -9.73
N ARG A 197 -3.06 19.53 -10.51
CA ARG A 197 -3.15 20.03 -11.86
C ARG A 197 -3.12 21.57 -11.83
N ALA A 198 -3.76 22.12 -10.78
CA ALA A 198 -3.86 23.56 -10.58
C ALA A 198 -2.53 24.27 -10.32
N SER A 199 -1.50 23.54 -9.87
CA SER A 199 -0.25 24.20 -9.47
C SER A 199 0.84 24.20 -10.55
#